data_6CR0
#
_entry.id   6CR0
#
_cell.length_a   96.282
_cell.length_b   96.282
_cell.length_c   78.628
_cell.angle_alpha   90.000
_cell.angle_beta   90.000
_cell.angle_gamma   120.000
#
_symmetry.space_group_name_H-M   'P 31 2 1'
#
loop_
_entity.id
_entity.type
_entity.pdbx_description
1 polymer '(S)-6-hydroxynicotine oxidase'
2 non-polymer 'CALCIUM ION'
3 non-polymer (4S)-2-METHYL-2,4-PENTANEDIOL
4 non-polymer 'ACETATE ION'
5 non-polymer 'FLAVIN-ADENINE DINUCLEOTIDE'
6 water water
#
_entity_poly.entity_id   1
_entity_poly.type   'polypeptide(L)'
_entity_poly.pdbx_seq_one_letter_code
;SNAMTEKIYDAIVVGAGFSGLVAARELSAQGRSVLIIEARHRLGGRTHVVNFLGRPVEIGGAGVHWCQPHVFAEMQRYGF
GFKEAPLADLDKAYMVFADGQKIDVPPATFDEEYTTAFEKFCSRSRELFPRPYSPLDNHEVSNLDGVSARDHLESLGLNE
LQLASMNAELTLYGGAPTTELSYPSFVKFHALASWDTITFTDSEKRYHVQGGTNALCQAIFDDCRADSEFGVPVEAVAQT
DNGVTVTLADKRVFRALTCVLTLPTKVYADVRFEPPLPPEKRAFIEHAEMADGAELYVHVRQNLGNTFTFCDDPNPFNAV
QTYAYDDELGTILKITIGRQSLINLENFDAIAAEIRKIHGDVEVLEALPYNWAMDEYARTSYPAMRKGWFSRYKDMAKPE
NRLFFAGSATADGWHEYIDGAIESGIRVGREIRHFMKATA
;
_entity_poly.pdbx_strand_id   A
#
# COMPACT_ATOMS: atom_id res chain seq x y z
N ILE A 8 32.25 -9.69 2.94
CA ILE A 8 31.33 -10.68 3.50
C ILE A 8 30.49 -10.07 4.63
N TYR A 9 29.27 -9.67 4.32
CA TYR A 9 28.45 -8.93 5.26
C TYR A 9 27.71 -9.87 6.21
N ASP A 10 27.35 -9.32 7.38
CA ASP A 10 26.41 -10.02 8.25
C ASP A 10 25.07 -10.18 7.55
N ALA A 11 24.58 -9.11 6.92
CA ALA A 11 23.29 -9.16 6.26
C ALA A 11 23.30 -8.28 5.01
N ILE A 12 22.74 -8.83 3.94
CA ILE A 12 22.37 -8.05 2.77
C ILE A 12 20.86 -7.81 2.86
N VAL A 13 20.45 -6.55 2.73
CA VAL A 13 19.04 -6.16 2.70
C VAL A 13 18.72 -5.71 1.28
N VAL A 14 17.82 -6.43 0.61
CA VAL A 14 17.44 -6.12 -0.75
C VAL A 14 16.18 -5.25 -0.69
N GLY A 15 16.32 -3.99 -1.08
CA GLY A 15 15.20 -3.07 -1.17
C GLY A 15 15.28 -1.97 -0.13
N ALA A 16 15.05 -0.71 -0.53
CA ALA A 16 15.15 0.44 0.36
C ALA A 16 13.82 1.19 0.45
N GLY A 17 12.71 0.46 0.44
CA GLY A 17 11.45 0.97 0.93
C GLY A 17 11.42 0.90 2.44
N PHE A 18 10.24 1.15 3.00
CA PHE A 18 10.12 1.18 4.46
C PHE A 18 10.57 -0.12 5.11
N SER A 19 10.18 -1.28 4.56
CA SER A 19 10.54 -2.55 5.22
C SER A 19 12.04 -2.80 5.19
N GLY A 20 12.68 -2.56 4.05
CA GLY A 20 14.11 -2.78 3.98
C GLY A 20 14.88 -1.77 4.81
N LEU A 21 14.42 -0.53 4.83
CA LEU A 21 15.12 0.49 5.60
C LEU A 21 15.04 0.20 7.09
N VAL A 22 13.84 -0.16 7.59
CA VAL A 22 13.71 -0.50 9.00
C VAL A 22 14.50 -1.76 9.34
N ALA A 23 14.46 -2.79 8.48
CA ALA A 23 15.29 -3.98 8.70
C ALA A 23 16.75 -3.60 8.85
N ALA A 24 17.26 -2.77 7.94
CA ALA A 24 18.66 -2.38 7.98
C ALA A 24 18.98 -1.55 9.22
N ARG A 25 18.03 -0.69 9.62
CA ARG A 25 18.22 0.11 10.82
C ARG A 25 18.29 -0.78 12.06
N GLU A 26 17.41 -1.79 12.14
CA GLU A 26 17.42 -2.68 13.30
C GLU A 26 18.71 -3.48 13.37
N LEU A 27 19.14 -4.04 12.23
CA LEU A 27 20.36 -4.86 12.21
C LEU A 27 21.59 -4.01 12.49
N SER A 28 21.64 -2.81 11.93
CA SER A 28 22.72 -1.88 12.22
CA SER A 28 22.73 -1.89 12.22
C SER A 28 22.78 -1.56 13.71
N ALA A 29 21.62 -1.32 14.32
CA ALA A 29 21.57 -0.99 15.74
C ALA A 29 22.01 -2.17 16.60
N GLN A 30 21.87 -3.40 16.09
CA GLN A 30 22.37 -4.57 16.79
C GLN A 30 23.87 -4.77 16.64
N GLY A 31 24.56 -3.84 15.97
CA GLY A 31 25.99 -3.97 15.73
C GLY A 31 26.38 -4.91 14.61
N ARG A 32 25.44 -5.28 13.74
CA ARG A 32 25.73 -6.16 12.63
C ARG A 32 26.15 -5.35 11.40
N SER A 33 26.91 -5.97 10.51
CA SER A 33 27.34 -5.31 9.27
C SER A 33 26.29 -5.53 8.19
N VAL A 34 25.89 -4.45 7.52
CA VAL A 34 24.74 -4.47 6.61
C VAL A 34 25.10 -3.87 5.27
N LEU A 35 24.67 -4.53 4.20
CA LEU A 35 24.68 -3.95 2.87
C LEU A 35 23.23 -3.81 2.41
N ILE A 36 22.86 -2.61 1.98
CA ILE A 36 21.57 -2.37 1.34
C ILE A 36 21.75 -2.32 -0.17
N ILE A 37 20.95 -3.08 -0.90
CA ILE A 37 20.95 -3.10 -2.36
C ILE A 37 19.57 -2.67 -2.85
N GLU A 38 19.52 -1.61 -3.64
CA GLU A 38 18.26 -1.04 -4.14
C GLU A 38 18.34 -0.86 -5.64
N ALA A 39 17.30 -1.31 -6.36
CA ALA A 39 17.28 -1.19 -7.82
C ALA A 39 17.21 0.26 -8.28
N ARG A 40 16.40 1.07 -7.60
CA ARG A 40 16.16 2.44 -7.99
C ARG A 40 17.31 3.34 -7.54
N HIS A 41 17.23 4.60 -7.97
CA HIS A 41 18.16 5.63 -7.55
C HIS A 41 17.59 6.49 -6.43
N ARG A 42 16.71 5.93 -5.61
CA ARG A 42 16.03 6.69 -4.57
C ARG A 42 15.60 5.73 -3.46
N LEU A 43 15.27 6.32 -2.31
CA LEU A 43 14.61 5.60 -1.22
C LEU A 43 13.10 5.58 -1.43
N GLY A 44 12.42 4.69 -0.71
CA GLY A 44 10.99 4.82 -0.48
C GLY A 44 10.12 3.76 -1.15
N GLY A 45 10.56 3.19 -2.26
CA GLY A 45 9.80 2.14 -2.91
C GLY A 45 8.44 2.62 -3.41
N ARG A 46 7.39 2.03 -2.86
CA ARG A 46 6.02 2.41 -3.21
C ARG A 46 5.53 3.63 -2.42
N THR A 47 6.42 4.28 -1.69
CA THR A 47 6.23 5.68 -1.29
C THR A 47 7.20 6.54 -2.11
N HIS A 48 6.72 7.71 -2.53
CA HIS A 48 7.43 8.49 -3.54
C HIS A 48 6.88 9.91 -3.55
N VAL A 49 7.78 10.89 -3.49
CA VAL A 49 7.41 12.31 -3.58
C VAL A 49 7.99 12.88 -4.86
N VAL A 50 7.14 13.57 -5.64
CA VAL A 50 7.56 14.17 -6.91
C VAL A 50 7.01 15.59 -7.00
N ASN A 51 7.52 16.32 -7.98
CA ASN A 51 7.06 17.67 -8.24
C ASN A 51 5.87 17.66 -9.19
N PHE A 52 4.82 18.39 -8.83
CA PHE A 52 3.72 18.67 -9.73
C PHE A 52 3.44 20.15 -9.65
N LEU A 53 3.61 20.85 -10.75
CA LEU A 53 3.41 22.29 -10.80
C LEU A 53 4.28 22.99 -9.77
N GLY A 54 5.49 22.48 -9.58
CA GLY A 54 6.42 23.10 -8.65
C GLY A 54 6.14 22.82 -7.19
N ARG A 55 5.17 21.95 -6.87
CA ARG A 55 4.81 21.59 -5.52
C ARG A 55 5.16 20.14 -5.25
N PRO A 56 5.75 19.81 -4.11
CA PRO A 56 6.07 18.41 -3.82
C PRO A 56 4.78 17.70 -3.44
N VAL A 57 4.49 16.57 -4.09
CA VAL A 57 3.28 15.82 -3.81
C VAL A 57 3.63 14.35 -3.60
N GLU A 58 2.85 13.68 -2.73
CA GLU A 58 2.95 12.24 -2.57
C GLU A 58 2.28 11.52 -3.73
N ILE A 59 2.99 10.62 -4.38
CA ILE A 59 2.39 9.91 -5.51
C ILE A 59 2.36 8.40 -5.30
N GLY A 60 2.85 7.92 -4.16
CA GLY A 60 2.55 6.61 -3.65
C GLY A 60 1.85 6.68 -2.31
N GLY A 61 2.18 5.78 -1.40
CA GLY A 61 1.46 5.73 -0.14
C GLY A 61 1.89 6.86 0.80
N ALA A 62 0.90 7.43 1.53
CA ALA A 62 1.23 8.51 2.46
C ALA A 62 0.28 8.67 3.65
N GLY A 63 -0.90 8.04 3.62
CA GLY A 63 -1.85 8.19 4.71
C GLY A 63 -1.48 7.33 5.91
N VAL A 64 -1.49 7.93 7.10
CA VAL A 64 -1.09 7.28 8.34
C VAL A 64 -1.98 7.76 9.49
N HIS A 65 -1.94 7.02 10.59
CA HIS A 65 -2.75 7.35 11.75
C HIS A 65 -2.06 6.76 12.98
N TRP A 66 -2.30 7.35 14.15
CA TRP A 66 -1.65 6.79 15.34
C TRP A 66 -2.22 5.45 15.77
N CYS A 67 -3.34 5.01 15.23
CA CYS A 67 -3.78 3.64 15.47
C CYS A 67 -2.93 2.63 14.72
N GLN A 68 -1.94 3.07 13.93
CA GLN A 68 -0.98 2.21 13.24
C GLN A 68 0.32 2.29 14.03
N PRO A 69 0.60 1.33 14.90
CA PRO A 69 1.59 1.57 15.95
C PRO A 69 3.03 1.56 15.49
N HIS A 70 3.35 0.82 14.43
CA HIS A 70 4.72 0.73 13.97
C HIS A 70 5.16 2.01 13.27
N VAL A 71 4.33 2.54 12.37
CA VAL A 71 4.69 3.82 11.76
C VAL A 71 4.61 4.95 12.79
N PHE A 72 3.68 4.87 13.74
CA PHE A 72 3.62 5.93 14.75
C PHE A 72 4.90 5.94 15.57
N ALA A 73 5.41 4.76 15.95
CA ALA A 73 6.66 4.71 16.71
C ALA A 73 7.82 5.34 15.95
N GLU A 74 7.90 5.11 14.63
CA GLU A 74 8.98 5.73 13.86
C GLU A 74 8.79 7.24 13.77
N MET A 75 7.54 7.70 13.60
CA MET A 75 7.26 9.13 13.57
C MET A 75 7.67 9.76 14.90
N GLN A 76 7.45 9.05 16.02
CA GLN A 76 7.88 9.55 17.32
C GLN A 76 9.39 9.60 17.40
N ARG A 77 10.07 8.56 16.90
CA ARG A 77 11.52 8.50 16.97
C ARG A 77 12.17 9.65 16.22
N TYR A 78 11.65 10.01 15.05
CA TYR A 78 12.32 10.97 14.19
C TYR A 78 11.64 12.34 14.19
N GLY A 79 10.53 12.50 14.89
CA GLY A 79 9.92 13.78 15.08
C GLY A 79 8.98 14.22 13.99
N PHE A 80 8.27 13.27 13.35
CA PHE A 80 7.31 13.57 12.29
C PHE A 80 5.90 13.64 12.86
N GLY A 81 5.15 14.69 12.48
CA GLY A 81 3.78 14.87 12.91
C GLY A 81 2.78 14.43 11.87
N PHE A 82 1.50 14.49 12.27
CA PHE A 82 0.35 14.16 11.44
C PHE A 82 -0.19 15.42 10.77
N LYS A 83 -0.09 15.48 9.45
CA LYS A 83 -0.62 16.62 8.70
C LYS A 83 -2.11 16.38 8.41
N GLU A 84 -2.94 17.38 8.71
CA GLU A 84 -4.39 17.24 8.67
C GLU A 84 -4.92 17.60 7.29
N ALA A 85 -5.62 16.63 6.68
CA ALA A 85 -6.33 16.88 5.44
C ALA A 85 -7.49 17.86 5.68
N PRO A 86 -7.86 18.65 4.65
CA PRO A 86 -8.90 19.69 4.81
C PRO A 86 -10.32 19.17 4.68
N LEU A 87 -10.75 18.36 5.67
CA LEU A 87 -12.05 17.69 5.60
C LEU A 87 -13.22 18.63 5.95
N ALA A 88 -13.07 19.44 6.99
CA ALA A 88 -14.14 20.37 7.36
C ALA A 88 -14.42 21.38 6.25
N ASP A 89 -13.40 21.68 5.44
CA ASP A 89 -13.51 22.62 4.32
C ASP A 89 -14.21 22.02 3.11
N LEU A 90 -14.49 20.72 3.12
CA LEU A 90 -15.14 20.05 1.98
C LEU A 90 -16.42 20.76 1.58
N ASP A 91 -16.49 21.10 0.30
CA ASP A 91 -17.61 21.84 -0.26
C ASP A 91 -18.66 20.95 -0.89
N LYS A 92 -18.25 19.90 -1.58
CA LYS A 92 -19.15 19.06 -2.35
C LYS A 92 -18.60 17.65 -2.36
N ALA A 93 -19.50 16.66 -2.30
CA ALA A 93 -19.15 15.26 -2.39
C ALA A 93 -20.05 14.63 -3.44
N TYR A 94 -19.45 13.83 -4.32
CA TYR A 94 -20.17 13.19 -5.41
C TYR A 94 -19.99 11.69 -5.36
N MET A 95 -21.02 10.97 -5.76
CA MET A 95 -20.95 9.54 -5.99
C MET A 95 -21.25 9.28 -7.47
N VAL A 96 -20.37 8.56 -8.13
CA VAL A 96 -20.59 8.13 -9.51
C VAL A 96 -20.81 6.62 -9.50
N PHE A 97 -22.00 6.22 -9.88
CA PHE A 97 -22.37 4.81 -9.86
C PHE A 97 -21.77 4.04 -11.03
N ALA A 98 -21.93 2.72 -10.96
CA ALA A 98 -21.33 1.84 -11.96
C ALA A 98 -21.88 2.13 -13.35
N ASP A 99 -23.14 2.53 -13.45
CA ASP A 99 -23.76 2.87 -14.73
C ASP A 99 -23.42 4.27 -15.21
N GLY A 100 -22.61 5.02 -14.46
CA GLY A 100 -22.20 6.34 -14.89
C GLY A 100 -23.01 7.49 -14.32
N GLN A 101 -24.18 7.23 -13.73
CA GLN A 101 -24.96 8.29 -13.11
C GLN A 101 -24.19 8.90 -11.94
N LYS A 102 -24.18 10.23 -11.87
CA LYS A 102 -23.51 10.98 -10.81
C LYS A 102 -24.56 11.65 -9.94
N ILE A 103 -24.36 11.60 -8.61
CA ILE A 103 -25.23 12.32 -7.69
C ILE A 103 -24.37 13.15 -6.74
N ASP A 104 -24.96 14.25 -6.30
CA ASP A 104 -24.37 15.20 -5.38
C ASP A 104 -24.95 14.91 -3.99
N VAL A 105 -24.10 14.56 -3.03
CA VAL A 105 -24.56 14.06 -1.73
C VAL A 105 -24.04 15.03 -0.67
N PRO A 106 -24.90 15.60 0.18
CA PRO A 106 -24.38 16.40 1.28
C PRO A 106 -23.37 15.58 2.09
N PRO A 107 -22.20 16.15 2.38
CA PRO A 107 -21.18 15.38 3.09
C PRO A 107 -21.69 14.65 4.33
N ALA A 108 -22.56 15.27 5.11
CA ALA A 108 -23.09 14.62 6.31
C ALA A 108 -23.87 13.37 5.97
N THR A 109 -24.71 13.42 4.94
CA THR A 109 -25.43 12.24 4.48
C THR A 109 -24.47 11.20 3.95
N PHE A 110 -23.47 11.64 3.19
CA PHE A 110 -22.52 10.69 2.61
C PHE A 110 -21.80 9.94 3.70
N ASP A 111 -21.32 10.67 4.71
CA ASP A 111 -20.64 10.05 5.86
C ASP A 111 -21.56 9.08 6.59
N GLU A 112 -22.81 9.48 6.85
CA GLU A 112 -23.75 8.59 7.53
C GLU A 112 -23.95 7.29 6.75
N GLU A 113 -24.22 7.39 5.45
CA GLU A 113 -24.50 6.19 4.68
C GLU A 113 -23.26 5.32 4.54
N TYR A 114 -22.10 5.94 4.25
CA TYR A 114 -20.84 5.18 4.13
C TYR A 114 -20.47 4.48 5.44
N THR A 115 -20.48 5.21 6.56
CA THR A 115 -20.06 4.58 7.81
C THR A 115 -21.05 3.52 8.28
N THR A 116 -22.36 3.71 8.06
CA THR A 116 -23.30 2.68 8.45
C THR A 116 -23.13 1.43 7.57
N ALA A 117 -22.83 1.61 6.28
CA ALA A 117 -22.50 0.48 5.43
C ALA A 117 -21.21 -0.23 5.86
N PHE A 118 -20.20 0.55 6.20
CA PHE A 118 -18.92 0.00 6.66
C PHE A 118 -19.09 -0.82 7.93
N GLU A 119 -19.85 -0.30 8.88
CA GLU A 119 -20.14 -1.03 10.10
C GLU A 119 -20.83 -2.36 9.80
N LYS A 120 -21.78 -2.37 8.87
CA LYS A 120 -22.42 -3.62 8.50
C LYS A 120 -21.43 -4.59 7.86
N PHE A 121 -20.62 -4.09 6.92
CA PHE A 121 -19.64 -4.95 6.26
C PHE A 121 -18.68 -5.59 7.27
N CYS A 122 -18.26 -4.83 8.27
CA CYS A 122 -17.23 -5.24 9.21
C CYS A 122 -17.79 -5.69 10.55
N SER A 123 -19.10 -6.00 10.61
CA SER A 123 -19.72 -6.26 11.90
C SER A 123 -19.08 -7.44 12.62
N ARG A 124 -18.56 -8.43 11.91
CA ARG A 124 -17.94 -9.59 12.54
C ARG A 124 -16.47 -9.39 12.88
N SER A 125 -15.95 -8.15 12.84
CA SER A 125 -14.49 -8.01 13.01
C SER A 125 -14.02 -8.44 14.39
N ARG A 126 -14.81 -8.22 15.45
CA ARG A 126 -14.35 -8.65 16.78
C ARG A 126 -14.41 -10.17 16.92
N GLU A 127 -15.48 -10.79 16.42
CA GLU A 127 -15.59 -12.25 16.37
C GLU A 127 -14.42 -12.88 15.63
N LEU A 128 -14.14 -12.37 14.45
CA LEU A 128 -13.13 -12.98 13.58
C LEU A 128 -11.71 -12.65 14.00
N PHE A 129 -11.46 -11.50 14.60
CA PHE A 129 -10.11 -11.01 14.88
C PHE A 129 -9.99 -10.50 16.31
N PRO A 130 -10.06 -11.39 17.30
CA PRO A 130 -9.88 -10.95 18.68
C PRO A 130 -8.50 -10.41 18.97
N ARG A 131 -7.51 -10.87 18.21
CA ARG A 131 -6.11 -10.47 18.37
C ARG A 131 -5.59 -10.17 16.98
N PRO A 132 -5.89 -8.98 16.45
CA PRO A 132 -5.69 -8.77 15.01
C PRO A 132 -4.22 -8.73 14.59
N TYR A 133 -3.28 -8.50 15.50
CA TYR A 133 -1.86 -8.67 15.16
C TYR A 133 -1.45 -10.14 15.22
N SER A 134 -2.38 -11.03 15.56
N SER A 134 -2.37 -11.03 15.56
CA SER A 134 -2.25 -12.49 15.36
CA SER A 134 -2.23 -12.48 15.35
C SER A 134 -3.46 -12.94 14.57
C SER A 134 -3.45 -12.94 14.57
N PRO A 135 -3.54 -12.59 13.29
CA PRO A 135 -4.84 -12.61 12.60
C PRO A 135 -5.35 -13.97 12.24
N LEU A 136 -4.56 -15.02 12.36
CA LEU A 136 -5.08 -16.36 12.14
C LEU A 136 -5.45 -17.05 13.45
N ASP A 137 -5.55 -16.31 14.56
CA ASP A 137 -5.87 -16.96 15.84
C ASP A 137 -7.24 -17.62 15.81
N ASN A 138 -8.21 -17.02 15.14
CA ASN A 138 -9.53 -17.65 14.95
C ASN A 138 -9.50 -18.39 13.63
N HIS A 139 -9.52 -19.72 13.70
CA HIS A 139 -9.36 -20.55 12.51
C HIS A 139 -10.46 -20.32 11.48
N GLU A 140 -11.60 -19.78 11.89
CA GLU A 140 -12.66 -19.52 10.92
C GLU A 140 -12.23 -18.56 9.81
N VAL A 141 -11.24 -17.71 10.06
CA VAL A 141 -10.85 -16.75 9.01
C VAL A 141 -10.20 -17.47 7.84
N SER A 142 -9.55 -18.61 8.08
CA SER A 142 -8.94 -19.37 6.99
C SER A 142 -10.00 -19.94 6.07
N ASN A 143 -11.15 -20.29 6.61
CA ASN A 143 -12.24 -20.81 5.79
C ASN A 143 -13.04 -19.70 5.12
N LEU A 144 -13.09 -18.51 5.71
CA LEU A 144 -13.78 -17.39 5.09
C LEU A 144 -12.92 -16.70 4.04
N ASP A 145 -11.63 -17.04 3.96
CA ASP A 145 -10.69 -16.43 3.04
C ASP A 145 -11.20 -16.47 1.60
N GLY A 146 -11.84 -17.57 1.22
CA GLY A 146 -12.33 -17.76 -0.14
C GLY A 146 -13.59 -17.02 -0.49
N VAL A 147 -14.25 -16.40 0.49
CA VAL A 147 -15.41 -15.53 0.24
C VAL A 147 -14.91 -14.18 -0.27
N SER A 148 -15.48 -13.71 -1.38
CA SER A 148 -15.03 -12.44 -1.90
C SER A 148 -15.69 -11.29 -1.16
N ALA A 149 -15.07 -10.12 -1.24
CA ALA A 149 -15.68 -8.93 -0.67
C ALA A 149 -17.05 -8.67 -1.30
N ARG A 150 -17.20 -8.94 -2.60
CA ARG A 150 -18.48 -8.70 -3.24
C ARG A 150 -19.54 -9.68 -2.77
N ASP A 151 -19.18 -10.96 -2.60
CA ASP A 151 -20.12 -11.95 -2.06
C ASP A 151 -20.70 -11.45 -0.73
N HIS A 152 -19.83 -10.96 0.15
CA HIS A 152 -20.29 -10.50 1.45
C HIS A 152 -21.10 -9.23 1.30
N LEU A 153 -20.61 -8.29 0.49
CA LEU A 153 -21.30 -7.01 0.32
C LEU A 153 -22.74 -7.20 -0.12
N GLU A 154 -22.99 -8.16 -0.99
CA GLU A 154 -24.34 -8.38 -1.52
C GLU A 154 -25.26 -9.07 -0.52
N SER A 155 -24.74 -9.57 0.59
CA SER A 155 -25.54 -10.25 1.60
C SER A 155 -26.11 -9.29 2.64
N LEU A 156 -25.79 -8.00 2.55
CA LEU A 156 -26.01 -7.10 3.67
C LEU A 156 -27.27 -6.24 3.59
N GLY A 157 -28.00 -6.29 2.48
CA GLY A 157 -29.20 -5.48 2.34
C GLY A 157 -28.95 -3.98 2.34
N LEU A 158 -27.84 -3.54 1.74
CA LEU A 158 -27.51 -2.13 1.71
C LEU A 158 -28.39 -1.38 0.71
N ASN A 159 -28.57 -0.09 0.94
CA ASN A 159 -29.26 0.75 -0.05
C ASN A 159 -28.29 1.13 -1.17
N GLU A 160 -28.77 1.91 -2.13
CA GLU A 160 -28.02 2.11 -3.37
C GLU A 160 -26.70 2.83 -3.12
N LEU A 161 -26.74 3.89 -2.33
CA LEU A 161 -25.53 4.67 -2.05
C LEU A 161 -24.57 3.88 -1.17
N GLN A 162 -25.11 3.15 -0.20
CA GLN A 162 -24.26 2.31 0.65
C GLN A 162 -23.51 1.27 -0.18
N LEU A 163 -24.23 0.61 -1.11
CA LEU A 163 -23.61 -0.44 -1.91
C LEU A 163 -22.52 0.13 -2.81
N ALA A 164 -22.83 1.21 -3.51
CA ALA A 164 -21.91 1.79 -4.46
C ALA A 164 -20.68 2.37 -3.79
N SER A 165 -20.86 3.07 -2.68
CA SER A 165 -19.70 3.65 -2.00
C SER A 165 -18.82 2.57 -1.40
N MET A 166 -19.40 1.54 -0.78
CA MET A 166 -18.59 0.45 -0.25
C MET A 166 -17.90 -0.30 -1.36
N ASN A 167 -18.57 -0.52 -2.50
CA ASN A 167 -17.89 -1.23 -3.58
C ASN A 167 -16.75 -0.41 -4.18
N ALA A 168 -16.91 0.92 -4.26
CA ALA A 168 -15.79 1.76 -4.71
C ALA A 168 -14.61 1.65 -3.75
N GLU A 169 -14.89 1.73 -2.46
CA GLU A 169 -13.86 1.57 -1.43
C GLU A 169 -13.14 0.23 -1.60
N LEU A 170 -13.90 -0.85 -1.73
CA LEU A 170 -13.30 -2.18 -1.81
C LEU A 170 -12.58 -2.41 -3.13
N THR A 171 -13.03 -1.75 -4.22
CA THR A 171 -12.29 -1.77 -5.49
C THR A 171 -10.93 -1.11 -5.33
N LEU A 172 -10.90 0.02 -4.64
CA LEU A 172 -9.64 0.70 -4.37
C LEU A 172 -8.72 -0.17 -3.52
N TYR A 173 -9.23 -0.74 -2.41
CA TYR A 173 -8.35 -1.53 -1.54
C TYR A 173 -7.86 -2.80 -2.21
N GLY A 174 -8.66 -3.38 -3.07
CA GLY A 174 -8.25 -4.62 -3.73
C GLY A 174 -7.43 -4.37 -4.97
N GLY A 175 -7.52 -3.15 -5.52
CA GLY A 175 -6.92 -2.92 -6.85
C GLY A 175 -7.42 -3.88 -7.89
N ALA A 176 -8.71 -4.22 -7.84
CA ALA A 176 -9.27 -5.36 -8.56
C ALA A 176 -10.78 -5.31 -8.41
N PRO A 177 -11.50 -5.98 -9.29
CA PRO A 177 -12.92 -6.19 -9.05
C PRO A 177 -13.09 -6.82 -7.68
N THR A 178 -14.15 -6.43 -6.99
CA THR A 178 -14.35 -6.89 -5.62
C THR A 178 -14.74 -8.36 -5.53
N THR A 179 -15.06 -9.00 -6.65
CA THR A 179 -15.22 -10.45 -6.68
C THR A 179 -13.89 -11.19 -6.44
N GLU A 180 -12.76 -10.49 -6.44
CA GLU A 180 -11.45 -11.12 -6.26
C GLU A 180 -10.83 -10.91 -4.90
N LEU A 181 -11.32 -9.95 -4.11
CA LEU A 181 -10.70 -9.57 -2.85
C LEU A 181 -11.15 -10.49 -1.71
N SER A 182 -10.18 -10.97 -0.92
CA SER A 182 -10.48 -11.75 0.27
C SER A 182 -11.28 -10.90 1.27
N TYR A 183 -12.53 -11.32 1.55
CA TYR A 183 -13.41 -10.63 2.52
C TYR A 183 -12.71 -10.43 3.88
N PRO A 184 -12.21 -11.48 4.54
CA PRO A 184 -11.65 -11.26 5.89
C PRO A 184 -10.39 -10.40 5.86
N SER A 185 -9.64 -10.38 4.76
CA SER A 185 -8.41 -9.59 4.72
C SER A 185 -8.69 -8.12 4.93
N PHE A 186 -9.86 -7.64 4.47
CA PHE A 186 -10.25 -6.25 4.65
C PHE A 186 -10.84 -5.98 6.03
N VAL A 187 -11.68 -6.92 6.50
CA VAL A 187 -12.26 -6.79 7.84
C VAL A 187 -11.17 -6.69 8.90
N LYS A 188 -10.05 -7.37 8.67
CA LYS A 188 -8.93 -7.29 9.62
C LYS A 188 -8.53 -5.86 9.91
N PHE A 189 -8.58 -4.95 8.92
CA PHE A 189 -8.16 -3.56 9.14
C PHE A 189 -9.11 -2.87 10.12
N HIS A 190 -10.40 -3.20 10.07
CA HIS A 190 -11.34 -2.69 11.06
C HIS A 190 -10.99 -3.16 12.45
N ALA A 191 -10.64 -4.44 12.59
CA ALA A 191 -10.21 -4.97 13.88
C ALA A 191 -8.95 -4.27 14.38
N LEU A 192 -8.00 -4.01 13.49
CA LEU A 192 -6.76 -3.33 13.90
C LEU A 192 -7.06 -1.94 14.43
N ALA A 193 -8.04 -1.28 13.85
CA ALA A 193 -8.54 0.01 14.30
C ALA A 193 -9.53 -0.09 15.46
N SER A 194 -9.21 -0.93 16.44
CA SER A 194 -10.01 -1.09 17.65
C SER A 194 -11.45 -1.51 17.35
N TRP A 195 -11.63 -2.33 16.31
CA TRP A 195 -12.95 -2.81 15.92
C TRP A 195 -13.95 -1.64 15.84
N ASP A 196 -13.48 -0.51 15.33
CA ASP A 196 -14.21 0.73 15.44
C ASP A 196 -14.31 1.42 14.07
N THR A 197 -15.55 1.59 13.60
CA THR A 197 -15.76 2.15 12.27
C THR A 197 -15.30 3.59 12.15
N ILE A 198 -15.55 4.42 13.16
CA ILE A 198 -15.09 5.81 13.07
C ILE A 198 -13.57 5.86 13.02
N THR A 199 -12.89 5.08 13.86
CA THR A 199 -11.43 5.09 13.85
C THR A 199 -10.88 4.62 12.51
N PHE A 200 -11.42 3.53 11.96
CA PHE A 200 -10.89 3.08 10.69
C PHE A 200 -11.16 4.09 9.58
N THR A 201 -12.40 4.57 9.48
CA THR A 201 -12.69 5.50 8.39
C THR A 201 -11.95 6.83 8.60
N ASP A 202 -11.64 7.20 9.84
CA ASP A 202 -10.75 8.34 10.04
C ASP A 202 -9.36 8.04 9.50
N SER A 203 -8.81 6.86 9.82
CA SER A 203 -7.45 6.50 9.49
C SER A 203 -7.21 6.60 8.00
N GLU A 204 -8.22 6.34 7.18
CA GLU A 204 -7.97 6.31 5.74
C GLU A 204 -8.08 7.68 5.07
N LYS A 205 -8.43 8.73 5.80
CA LYS A 205 -8.58 10.05 5.19
C LYS A 205 -8.01 11.22 5.97
N ARG A 206 -7.86 11.15 7.30
CA ARG A 206 -7.64 12.39 8.03
C ARG A 206 -6.22 12.90 8.01
N TYR A 207 -5.20 12.04 8.01
CA TYR A 207 -3.83 12.49 8.19
C TYR A 207 -2.85 11.83 7.23
N HIS A 208 -1.75 12.55 7.00
CA HIS A 208 -0.60 12.10 6.22
C HIS A 208 0.68 12.50 6.97
N VAL A 209 1.83 12.04 6.48
CA VAL A 209 3.10 12.29 7.16
C VAL A 209 3.49 13.76 6.89
N GLN A 210 3.51 14.57 7.94
CA GLN A 210 3.94 15.95 7.81
C GLN A 210 5.42 16.02 7.44
N GLY A 211 5.73 16.72 6.35
CA GLY A 211 7.06 16.72 5.81
C GLY A 211 7.35 15.66 4.77
N GLY A 212 6.46 14.71 4.58
CA GLY A 212 6.59 13.80 3.45
C GLY A 212 7.22 12.48 3.82
N THR A 213 6.78 11.42 3.12
CA THR A 213 7.36 10.10 3.33
C THR A 213 8.83 10.06 2.96
N ASN A 214 9.27 10.85 1.98
CA ASN A 214 10.66 10.77 1.58
C ASN A 214 11.57 11.21 2.72
N ALA A 215 11.18 12.26 3.44
CA ALA A 215 11.99 12.73 4.57
C ALA A 215 12.02 11.69 5.68
N LEU A 216 10.91 10.99 5.92
CA LEU A 216 10.94 9.97 6.96
C LEU A 216 11.84 8.81 6.56
N CYS A 217 11.77 8.37 5.31
CA CYS A 217 12.69 7.35 4.81
C CYS A 217 14.14 7.81 4.95
N GLN A 218 14.41 9.06 4.62
CA GLN A 218 15.76 9.60 4.73
C GLN A 218 16.23 9.54 6.17
N ALA A 219 15.35 9.87 7.12
CA ALA A 219 15.75 9.88 8.52
C ALA A 219 16.09 8.47 8.98
N ILE A 220 15.32 7.48 8.56
CA ILE A 220 15.64 6.09 8.89
C ILE A 220 16.94 5.68 8.24
N PHE A 221 17.09 5.98 6.96
CA PHE A 221 18.33 5.66 6.25
C PHE A 221 19.54 6.28 6.93
N ASP A 222 19.43 7.55 7.35
CA ASP A 222 20.55 8.23 7.98
C ASP A 222 20.93 7.59 9.32
N ASP A 223 20.01 6.87 9.96
CA ASP A 223 20.30 6.14 11.18
C ASP A 223 20.95 4.78 10.94
N CYS A 224 21.10 4.37 9.69
CA CYS A 224 21.71 3.08 9.39
C CYS A 224 23.21 3.25 9.28
N ARG A 225 23.94 2.29 9.85
CA ARG A 225 25.38 2.16 9.62
C ARG A 225 25.54 0.99 8.66
N ALA A 226 25.43 1.27 7.36
CA ALA A 226 25.43 0.24 6.34
C ALA A 226 26.10 0.78 5.09
N ASP A 227 26.62 -0.14 4.29
CA ASP A 227 26.99 0.18 2.93
C ASP A 227 25.74 0.17 2.05
N SER A 228 25.76 0.98 1.00
CA SER A 228 24.61 1.20 0.14
C SER A 228 25.02 1.04 -1.32
N GLU A 229 24.16 0.41 -2.10
CA GLU A 229 24.37 0.25 -3.55
C GLU A 229 23.03 0.52 -4.24
N PHE A 230 22.94 1.62 -4.97
CA PHE A 230 21.70 2.03 -5.62
C PHE A 230 21.86 2.00 -7.14
N GLY A 231 20.77 1.67 -7.83
CA GLY A 231 20.67 1.90 -9.26
C GLY A 231 20.71 0.65 -10.11
N VAL A 232 20.99 -0.52 -9.52
CA VAL A 232 21.15 -1.76 -10.26
C VAL A 232 20.39 -2.83 -9.52
N PRO A 233 19.45 -3.54 -10.17
CA PRO A 233 18.68 -4.55 -9.45
C PRO A 233 19.44 -5.85 -9.21
N VAL A 234 19.06 -6.51 -8.12
CA VAL A 234 19.43 -7.90 -7.90
C VAL A 234 18.82 -8.78 -8.98
N GLU A 235 19.64 -9.68 -9.53
CA GLU A 235 19.17 -10.65 -10.51
C GLU A 235 19.12 -12.07 -9.96
N ALA A 236 19.97 -12.42 -8.99
CA ALA A 236 20.00 -13.78 -8.47
C ALA A 236 20.48 -13.78 -7.03
N VAL A 237 20.01 -14.79 -6.28
CA VAL A 237 20.37 -14.98 -4.88
C VAL A 237 20.61 -16.47 -4.67
N ALA A 238 21.79 -16.82 -4.19
CA ALA A 238 22.15 -18.22 -3.96
C ALA A 238 22.61 -18.39 -2.52
N GLN A 239 22.12 -19.44 -1.85
CA GLN A 239 22.50 -19.69 -0.48
C GLN A 239 23.03 -21.10 -0.28
N THR A 240 23.88 -21.25 0.72
CA THR A 240 24.40 -22.54 1.15
C THR A 240 24.27 -22.67 2.66
N ASP A 241 24.86 -23.71 3.24
CA ASP A 241 24.84 -23.85 4.69
C ASP A 241 25.70 -22.79 5.37
N ASN A 242 26.53 -22.06 4.62
CA ASN A 242 27.47 -21.11 5.22
C ASN A 242 27.25 -19.65 4.83
N GLY A 243 26.36 -19.35 3.89
CA GLY A 243 26.17 -17.96 3.52
C GLY A 243 25.29 -17.80 2.30
N VAL A 244 25.26 -16.57 1.79
CA VAL A 244 24.45 -16.21 0.64
C VAL A 244 25.28 -15.34 -0.29
N THR A 245 25.08 -15.51 -1.59
CA THR A 245 25.76 -14.69 -2.57
C THR A 245 24.71 -14.06 -3.46
N VAL A 246 24.78 -12.74 -3.63
CA VAL A 246 23.77 -11.97 -4.34
C VAL A 246 24.42 -11.33 -5.56
N THR A 247 23.85 -11.58 -6.74
CA THR A 247 24.38 -11.05 -7.97
C THR A 247 23.42 -10.01 -8.57
N LEU A 248 23.99 -8.88 -8.95
CA LEU A 248 23.25 -7.82 -9.61
C LEU A 248 23.17 -8.08 -11.11
N ALA A 249 22.28 -7.34 -11.78
CA ALA A 249 22.12 -7.46 -13.22
C ALA A 249 23.34 -6.98 -13.99
N ASP A 250 24.22 -6.21 -13.36
CA ASP A 250 25.48 -5.82 -13.99
C ASP A 250 26.60 -6.79 -13.64
N LYS A 251 26.26 -7.93 -13.03
CA LYS A 251 27.11 -9.08 -12.76
C LYS A 251 28.03 -8.87 -11.56
N ARG A 252 27.95 -7.75 -10.86
CA ARG A 252 28.63 -7.65 -9.58
C ARG A 252 28.00 -8.61 -8.58
N VAL A 253 28.81 -9.03 -7.62
CA VAL A 253 28.46 -10.10 -6.69
C VAL A 253 28.77 -9.62 -5.28
N PHE A 254 27.84 -9.86 -4.36
CA PHE A 254 28.03 -9.54 -2.95
C PHE A 254 27.64 -10.76 -2.12
N ARG A 255 28.30 -10.90 -0.97
CA ARG A 255 28.16 -12.10 -0.14
C ARG A 255 27.90 -11.70 1.31
N ALA A 256 27.14 -12.54 2.00
CA ALA A 256 26.81 -12.26 3.38
C ALA A 256 26.41 -13.56 4.07
N LEU A 257 26.24 -13.47 5.39
CA LEU A 257 25.75 -14.61 6.15
C LEU A 257 24.25 -14.80 6.00
N THR A 258 23.51 -13.71 5.86
CA THR A 258 22.06 -13.75 5.73
C THR A 258 21.63 -12.71 4.72
N CYS A 259 20.41 -12.87 4.21
CA CYS A 259 19.85 -11.94 3.23
C CYS A 259 18.39 -11.68 3.57
N VAL A 260 18.02 -10.41 3.69
CA VAL A 260 16.62 -9.99 3.84
C VAL A 260 16.12 -9.54 2.48
N LEU A 261 15.08 -10.20 1.98
CA LEU A 261 14.41 -9.79 0.75
C LEU A 261 13.15 -9.03 1.10
N THR A 262 13.00 -7.83 0.52
CA THR A 262 11.80 -7.03 0.72
C THR A 262 11.11 -6.75 -0.60
N LEU A 263 11.47 -7.50 -1.65
CA LEU A 263 10.88 -7.28 -2.95
C LEU A 263 9.36 -7.34 -2.90
N PRO A 264 8.67 -6.55 -3.71
CA PRO A 264 7.24 -6.75 -3.89
C PRO A 264 6.99 -8.17 -4.38
N THR A 265 5.87 -8.74 -3.92
CA THR A 265 5.65 -10.17 -4.11
C THR A 265 5.85 -10.61 -5.55
N LYS A 266 5.25 -9.89 -6.52
CA LYS A 266 5.36 -10.35 -7.90
C LYS A 266 6.76 -10.21 -8.49
N VAL A 267 7.62 -9.35 -7.91
CA VAL A 267 8.96 -9.18 -8.46
C VAL A 267 9.84 -10.41 -8.23
N TYR A 268 9.53 -11.24 -7.23
CA TYR A 268 10.34 -12.44 -7.01
C TYR A 268 10.42 -13.30 -8.27
N ALA A 269 9.40 -13.26 -9.12
CA ALA A 269 9.45 -14.02 -10.36
C ALA A 269 10.56 -13.55 -11.29
N ASP A 270 11.15 -12.38 -11.04
CA ASP A 270 12.21 -11.84 -11.88
C ASP A 270 13.60 -12.08 -11.31
N VAL A 271 13.70 -12.88 -10.26
CA VAL A 271 14.97 -13.14 -9.58
C VAL A 271 15.17 -14.64 -9.53
N ARG A 272 16.40 -15.08 -9.78
CA ARG A 272 16.75 -16.49 -9.73
C ARG A 272 17.21 -16.83 -8.32
N PHE A 273 16.56 -17.82 -7.72
CA PHE A 273 16.92 -18.30 -6.39
C PHE A 273 17.56 -19.67 -6.49
N GLU A 274 18.75 -19.82 -5.91
CA GLU A 274 19.44 -21.09 -5.81
C GLU A 274 19.69 -21.43 -4.35
N PRO A 275 19.10 -22.50 -3.80
CA PRO A 275 18.09 -23.39 -4.39
C PRO A 275 16.79 -22.63 -4.59
N PRO A 276 15.87 -23.18 -5.38
CA PRO A 276 14.63 -22.47 -5.67
C PRO A 276 13.77 -22.31 -4.43
N LEU A 277 12.93 -21.28 -4.43
CA LEU A 277 12.03 -21.10 -3.31
C LEU A 277 11.06 -22.27 -3.23
N PRO A 278 10.60 -22.64 -2.04
CA PRO A 278 9.73 -23.81 -1.90
C PRO A 278 8.40 -23.61 -2.62
N PRO A 279 7.66 -24.70 -2.85
CA PRO A 279 6.40 -24.60 -3.60
C PRO A 279 5.42 -23.64 -2.98
N GLU A 280 5.36 -23.58 -1.66
CA GLU A 280 4.37 -22.75 -1.00
C GLU A 280 4.65 -21.27 -1.23
N LYS A 281 5.92 -20.89 -1.34
CA LYS A 281 6.23 -19.50 -1.70
C LYS A 281 5.97 -19.23 -3.17
N ARG A 282 6.39 -20.14 -4.05
CA ARG A 282 6.12 -19.91 -5.47
C ARG A 282 4.63 -19.80 -5.74
N ALA A 283 3.81 -20.55 -5.02
CA ALA A 283 2.37 -20.44 -5.21
C ALA A 283 1.87 -19.07 -4.76
N PHE A 284 2.35 -18.61 -3.62
CA PHE A 284 1.96 -17.28 -3.13
C PHE A 284 2.39 -16.19 -4.11
N ILE A 285 3.61 -16.31 -4.63
CA ILE A 285 4.14 -15.33 -5.59
C ILE A 285 3.26 -15.28 -6.85
N GLU A 286 2.78 -16.44 -7.31
CA GLU A 286 2.00 -16.46 -8.53
C GLU A 286 0.59 -15.93 -8.31
N HIS A 287 -0.02 -16.21 -7.15
CA HIS A 287 -1.47 -16.07 -7.01
C HIS A 287 -1.95 -15.05 -5.98
N ALA A 288 -1.17 -14.74 -4.94
CA ALA A 288 -1.76 -14.07 -3.79
C ALA A 288 -2.08 -12.59 -4.07
N GLU A 289 -1.22 -11.90 -4.83
CA GLU A 289 -1.35 -10.47 -5.05
C GLU A 289 -1.96 -10.17 -6.42
N MET A 290 -2.51 -8.96 -6.55
CA MET A 290 -3.28 -8.62 -7.73
C MET A 290 -3.49 -7.12 -7.95
N ALA A 291 -3.16 -6.28 -6.98
CA ALA A 291 -3.61 -4.89 -7.02
C ALA A 291 -3.05 -4.15 -8.23
N ASP A 292 -3.96 -3.63 -9.04
CA ASP A 292 -3.67 -3.05 -10.35
C ASP A 292 -3.65 -1.52 -10.30
N GLY A 293 -3.17 -0.94 -9.21
CA GLY A 293 -3.37 0.48 -8.97
C GLY A 293 -2.39 1.42 -9.65
N ALA A 294 -2.87 2.65 -9.79
CA ALA A 294 -2.08 3.78 -10.27
C ALA A 294 -2.52 5.03 -9.52
N GLU A 295 -1.67 6.07 -9.55
CA GLU A 295 -1.97 7.37 -8.95
C GLU A 295 -1.82 8.45 -10.00
N LEU A 296 -2.58 9.54 -9.87
CA LEU A 296 -2.64 10.52 -10.94
C LEU A 296 -2.91 11.89 -10.35
N TYR A 297 -2.13 12.88 -10.75
CA TYR A 297 -2.43 14.26 -10.45
C TYR A 297 -2.88 15.00 -11.71
N VAL A 298 -3.90 15.84 -11.57
CA VAL A 298 -4.43 16.62 -12.70
C VAL A 298 -4.55 18.08 -12.30
N HIS A 299 -4.24 18.96 -13.24
CA HIS A 299 -4.43 20.40 -13.12
C HIS A 299 -5.63 20.83 -13.96
N VAL A 300 -6.61 21.45 -13.33
CA VAL A 300 -7.81 21.98 -13.97
C VAL A 300 -7.76 23.51 -13.90
N ARG A 301 -8.13 24.19 -15.00
CA ARG A 301 -8.04 25.64 -15.05
C ARG A 301 -9.02 26.28 -14.08
N GLN A 302 -10.23 25.75 -14.01
CA GLN A 302 -11.28 26.26 -13.14
C GLN A 302 -10.99 25.94 -11.68
N ASN A 303 -11.44 26.85 -10.81
CA ASN A 303 -11.39 26.66 -9.36
C ASN A 303 -12.67 25.91 -8.97
N LEU A 304 -12.53 24.62 -8.70
CA LEU A 304 -13.64 23.74 -8.35
C LEU A 304 -13.96 23.73 -6.87
N GLY A 305 -13.21 24.48 -6.07
CA GLY A 305 -13.39 24.34 -4.63
C GLY A 305 -12.86 22.98 -4.16
N ASN A 306 -13.26 22.63 -2.92
CA ASN A 306 -12.80 21.42 -2.24
C ASN A 306 -13.86 20.35 -2.44
N THR A 307 -13.57 19.42 -3.35
CA THR A 307 -14.51 18.36 -3.67
C THR A 307 -13.89 16.98 -3.51
N PHE A 308 -14.78 16.02 -3.24
CA PHE A 308 -14.45 14.60 -3.17
C PHE A 308 -15.43 13.83 -4.04
N THR A 309 -14.91 12.88 -4.82
CA THR A 309 -15.73 12.01 -5.66
C THR A 309 -15.28 10.58 -5.44
N PHE A 310 -16.25 9.69 -5.22
CA PHE A 310 -16.10 8.25 -5.26
C PHE A 310 -16.72 7.79 -6.56
N CYS A 311 -16.00 6.99 -7.33
CA CYS A 311 -16.57 6.35 -8.52
C CYS A 311 -16.48 4.84 -8.38
N ASP A 312 -17.62 4.19 -8.55
CA ASP A 312 -17.64 2.74 -8.47
C ASP A 312 -17.08 2.12 -9.75
N ASP A 313 -16.50 0.94 -9.57
CA ASP A 313 -16.11 0.06 -10.68
C ASP A 313 -17.28 -0.07 -11.66
N PRO A 314 -17.03 -0.01 -12.96
CA PRO A 314 -15.80 0.09 -13.75
C PRO A 314 -15.39 1.48 -14.19
N ASN A 315 -15.89 2.51 -13.52
CA ASN A 315 -15.29 3.81 -13.69
C ASN A 315 -13.82 3.72 -13.28
N PRO A 316 -12.92 4.37 -13.98
CA PRO A 316 -11.49 4.23 -13.67
C PRO A 316 -10.99 5.01 -12.46
N PHE A 317 -11.54 6.20 -12.21
CA PHE A 317 -11.02 7.09 -11.16
C PHE A 317 -11.83 6.87 -9.88
N ASN A 318 -11.42 5.85 -9.10
CA ASN A 318 -12.25 5.45 -7.97
C ASN A 318 -12.35 6.52 -6.90
N ALA A 319 -11.26 7.26 -6.65
CA ALA A 319 -11.27 8.36 -5.69
C ALA A 319 -10.65 9.58 -6.34
N VAL A 320 -11.34 10.72 -6.25
CA VAL A 320 -10.86 11.98 -6.78
C VAL A 320 -10.91 12.97 -5.64
N GLN A 321 -9.75 13.32 -5.11
CA GLN A 321 -9.59 14.24 -3.99
C GLN A 321 -9.03 15.57 -4.45
N THR A 322 -9.23 16.62 -3.65
CA THR A 322 -8.73 17.93 -4.01
C THR A 322 -7.48 18.21 -3.20
N TYR A 323 -6.36 18.38 -3.89
CA TYR A 323 -5.09 18.71 -3.26
C TYR A 323 -4.97 20.20 -2.98
N ALA A 324 -5.42 21.05 -3.91
CA ALA A 324 -5.30 22.49 -3.78
C ALA A 324 -6.30 23.14 -4.71
N TYR A 325 -6.71 24.36 -4.39
CA TYR A 325 -7.60 25.11 -5.24
C TYR A 325 -7.48 26.60 -4.92
N ASP A 326 -7.51 27.43 -5.95
CA ASP A 326 -7.68 28.88 -5.77
C ASP A 326 -7.90 29.55 -7.13
N ASP A 327 -8.17 30.85 -7.10
CA ASP A 327 -8.67 31.51 -8.30
C ASP A 327 -7.58 31.73 -9.35
N GLU A 328 -6.31 31.61 -8.99
CA GLU A 328 -5.23 31.70 -9.96
C GLU A 328 -4.72 30.34 -10.37
N LEU A 329 -4.56 29.45 -9.41
CA LEU A 329 -4.11 28.09 -9.69
C LEU A 329 -5.14 27.32 -10.51
N GLY A 330 -6.40 27.50 -10.21
CA GLY A 330 -7.41 26.53 -10.58
C GLY A 330 -7.49 25.45 -9.53
N THR A 331 -7.43 24.20 -9.94
CA THR A 331 -7.58 23.07 -9.04
C THR A 331 -6.53 22.02 -9.35
N ILE A 332 -5.91 21.47 -8.32
CA ILE A 332 -5.11 20.26 -8.42
C ILE A 332 -5.92 19.13 -7.80
N LEU A 333 -6.20 18.10 -8.59
CA LEU A 333 -6.90 16.90 -8.16
C LEU A 333 -5.93 15.76 -8.02
N LYS A 334 -6.10 14.97 -6.94
CA LYS A 334 -5.33 13.78 -6.65
C LYS A 334 -6.25 12.59 -6.85
N ILE A 335 -5.90 11.72 -7.79
CA ILE A 335 -6.78 10.65 -8.25
C ILE A 335 -6.13 9.31 -7.97
N THR A 336 -6.87 8.42 -7.33
CA THR A 336 -6.40 7.06 -7.09
C THR A 336 -7.23 6.10 -7.94
N ILE A 337 -6.52 5.25 -8.68
CA ILE A 337 -7.07 4.37 -9.68
C ILE A 337 -6.80 2.96 -9.21
N GLY A 338 -7.87 2.24 -8.85
CA GLY A 338 -7.72 0.85 -8.41
C GLY A 338 -7.33 -0.11 -9.52
N ARG A 339 -7.79 0.15 -10.75
CA ARG A 339 -7.61 -0.73 -11.90
C ARG A 339 -7.08 0.06 -13.11
N GLN A 340 -5.75 0.24 -13.17
CA GLN A 340 -5.20 1.04 -14.26
C GLN A 340 -5.49 0.42 -15.62
N SER A 341 -5.79 -0.87 -15.65
CA SER A 341 -6.15 -1.51 -16.92
C SER A 341 -7.35 -0.85 -17.58
N LEU A 342 -8.13 -0.08 -16.85
CA LEU A 342 -9.36 0.51 -17.34
C LEU A 342 -9.14 1.80 -18.12
N ILE A 343 -7.94 2.36 -18.11
CA ILE A 343 -7.71 3.64 -18.78
C ILE A 343 -6.28 3.70 -19.28
N ASN A 344 -6.10 4.30 -20.47
CA ASN A 344 -4.74 4.48 -21.01
C ASN A 344 -4.19 5.76 -20.44
N LEU A 345 -3.30 5.64 -19.44
CA LEU A 345 -2.78 6.81 -18.78
C LEU A 345 -1.71 7.53 -19.58
N GLU A 346 -1.34 7.02 -20.75
CA GLU A 346 -0.49 7.75 -21.68
C GLU A 346 -1.29 8.63 -22.63
N ASN A 347 -2.62 8.64 -22.51
CA ASN A 347 -3.51 9.31 -23.48
C ASN A 347 -4.13 10.48 -22.72
N PHE A 348 -3.51 11.66 -22.84
CA PHE A 348 -3.95 12.82 -22.06
C PHE A 348 -5.42 13.14 -22.27
N ASP A 349 -5.88 13.16 -23.53
CA ASP A 349 -7.27 13.56 -23.77
C ASP A 349 -8.26 12.53 -23.22
N ALA A 350 -7.86 11.25 -23.09
CA ALA A 350 -8.73 10.27 -22.43
C ALA A 350 -8.84 10.55 -20.94
N ILE A 351 -7.71 10.90 -20.30
CA ILE A 351 -7.76 11.37 -18.92
C ILE A 351 -8.68 12.60 -18.79
N ALA A 352 -8.50 13.58 -19.66
CA ALA A 352 -9.32 14.79 -19.58
C ALA A 352 -10.80 14.48 -19.73
N ALA A 353 -11.14 13.55 -20.63
CA ALA A 353 -12.54 13.18 -20.82
C ALA A 353 -13.15 12.61 -19.55
N GLU A 354 -12.40 11.81 -18.80
CA GLU A 354 -12.91 11.25 -17.55
C GLU A 354 -13.07 12.34 -16.49
N ILE A 355 -12.16 13.32 -16.46
CA ILE A 355 -12.33 14.45 -15.54
C ILE A 355 -13.59 15.23 -15.87
N ARG A 356 -13.86 15.49 -17.17
CA ARG A 356 -15.07 16.21 -17.55
C ARG A 356 -16.33 15.40 -17.24
N LYS A 357 -16.27 14.07 -17.34
CA LYS A 357 -17.44 13.26 -16.97
C LYS A 357 -17.85 13.52 -15.53
N ILE A 358 -16.88 13.76 -14.65
CA ILE A 358 -17.14 14.00 -13.22
C ILE A 358 -17.46 15.46 -12.95
N HIS A 359 -16.64 16.35 -13.46
CA HIS A 359 -16.65 17.75 -13.02
C HIS A 359 -17.27 18.68 -14.03
N GLY A 360 -17.67 18.17 -15.18
CA GLY A 360 -18.49 18.95 -16.09
C GLY A 360 -17.68 19.87 -16.97
N ASP A 361 -18.09 21.13 -16.99
CA ASP A 361 -17.58 22.11 -17.95
C ASP A 361 -16.25 22.68 -17.47
N VAL A 362 -15.19 21.88 -17.65
CA VAL A 362 -13.85 22.25 -17.21
C VAL A 362 -12.82 21.98 -18.29
N GLU A 363 -11.66 22.63 -18.13
CA GLU A 363 -10.49 22.46 -18.98
C GLU A 363 -9.37 21.82 -18.21
N VAL A 364 -8.88 20.69 -18.68
CA VAL A 364 -7.78 19.98 -18.07
C VAL A 364 -6.48 20.41 -18.75
N LEU A 365 -5.51 20.88 -17.96
CA LEU A 365 -4.30 21.51 -18.46
C LEU A 365 -3.07 20.61 -18.43
N GLU A 366 -2.87 19.82 -17.38
CA GLU A 366 -1.70 18.99 -17.22
C GLU A 366 -2.07 17.78 -16.38
N ALA A 367 -1.37 16.68 -16.62
CA ALA A 367 -1.62 15.43 -15.92
C ALA A 367 -0.27 14.76 -15.66
N LEU A 368 -0.12 14.21 -14.45
CA LEU A 368 1.06 13.44 -14.08
C LEU A 368 0.61 12.10 -13.51
N PRO A 369 0.63 11.04 -14.31
CA PRO A 369 0.32 9.70 -13.80
C PRO A 369 1.56 9.01 -13.26
N TYR A 370 1.35 8.12 -12.29
CA TYR A 370 2.38 7.17 -11.89
C TYR A 370 1.75 5.78 -11.89
N ASN A 371 2.09 4.96 -12.90
CA ASN A 371 1.43 3.67 -13.06
C ASN A 371 2.21 2.63 -12.26
N TRP A 372 1.82 2.43 -11.01
CA TRP A 372 2.54 1.52 -10.13
C TRP A 372 2.49 0.08 -10.63
N ALA A 373 1.36 -0.34 -11.19
CA ALA A 373 1.25 -1.70 -11.69
C ALA A 373 2.22 -1.97 -12.83
N MET A 374 2.54 -0.95 -13.63
CA MET A 374 3.44 -1.12 -14.76
C MET A 374 4.89 -0.83 -14.41
N ASP A 375 5.16 -0.33 -13.20
CA ASP A 375 6.51 -0.13 -12.70
C ASP A 375 7.13 -1.50 -12.38
N GLU A 376 8.23 -1.84 -13.09
CA GLU A 376 8.80 -3.18 -12.97
C GLU A 376 9.34 -3.51 -11.58
N TYR A 377 9.62 -2.50 -10.75
CA TYR A 377 10.13 -2.71 -9.41
C TYR A 377 9.04 -2.66 -8.36
N ALA A 378 7.77 -2.54 -8.78
CA ALA A 378 6.61 -2.57 -7.89
C ALA A 378 5.63 -3.65 -8.30
N ARG A 379 5.04 -3.54 -9.50
CA ARG A 379 4.17 -4.52 -10.15
C ARG A 379 2.82 -4.70 -9.49
N THR A 380 2.72 -4.44 -8.19
CA THR A 380 1.44 -4.22 -7.53
C THR A 380 1.52 -2.93 -6.73
N SER A 381 0.40 -2.21 -6.67
CA SER A 381 0.39 -0.92 -5.98
C SER A 381 0.47 -1.11 -4.46
N TYR A 382 -0.15 -2.16 -3.93
CA TYR A 382 -0.16 -2.47 -2.50
C TYR A 382 -0.61 -3.91 -2.34
N PRO A 383 -0.23 -4.60 -1.24
CA PRO A 383 -0.50 -6.05 -1.16
C PRO A 383 -1.93 -6.42 -0.81
N ALA A 384 -2.87 -6.02 -1.66
CA ALA A 384 -4.19 -6.63 -1.60
C ALA A 384 -4.07 -8.14 -1.77
N MET A 385 -4.89 -8.86 -1.02
CA MET A 385 -4.86 -10.32 -1.00
C MET A 385 -6.04 -10.89 -1.78
N ARG A 386 -5.72 -11.70 -2.79
CA ARG A 386 -6.75 -12.42 -3.51
C ARG A 386 -7.47 -13.41 -2.59
N LYS A 387 -8.77 -13.58 -2.84
CA LYS A 387 -9.55 -14.51 -2.03
C LYS A 387 -8.93 -15.90 -2.06
N GLY A 388 -8.79 -16.48 -0.87
CA GLY A 388 -8.16 -17.77 -0.70
C GLY A 388 -6.70 -17.68 -0.33
N TRP A 389 -6.10 -16.49 -0.38
CA TRP A 389 -4.67 -16.33 -0.17
C TRP A 389 -4.28 -15.49 1.02
N PHE A 390 -5.18 -14.70 1.60
CA PHE A 390 -4.80 -13.86 2.74
C PHE A 390 -4.29 -14.71 3.89
N SER A 391 -4.89 -15.88 4.08
CA SER A 391 -4.53 -16.73 5.21
C SER A 391 -3.29 -17.56 4.94
N ARG A 392 -2.68 -17.44 3.76
CA ARG A 392 -1.44 -18.14 3.46
C ARG A 392 -0.21 -17.24 3.58
N TYR A 393 -0.37 -16.03 4.11
CA TYR A 393 0.75 -15.09 4.08
C TYR A 393 1.95 -15.57 4.88
N LYS A 394 1.76 -16.41 5.91
CA LYS A 394 2.92 -16.95 6.62
C LYS A 394 3.77 -17.84 5.72
N ASP A 395 3.19 -18.42 4.65
CA ASP A 395 4.01 -19.13 3.68
C ASP A 395 5.04 -18.20 3.06
N MET A 396 4.70 -16.92 2.90
CA MET A 396 5.62 -15.96 2.33
C MET A 396 6.55 -15.34 3.36
N ALA A 397 6.07 -15.12 4.59
CA ALA A 397 6.86 -14.44 5.61
C ALA A 397 7.92 -15.34 6.25
N LYS A 398 7.74 -16.64 6.25
CA LYS A 398 8.63 -17.51 7.02
C LYS A 398 10.03 -17.58 6.40
N PRO A 399 11.08 -17.75 7.21
CA PRO A 399 12.43 -17.83 6.68
C PRO A 399 12.66 -19.12 5.89
N GLU A 400 13.64 -19.07 4.99
CA GLU A 400 14.13 -20.25 4.28
C GLU A 400 15.64 -20.29 4.52
N ASN A 401 16.03 -20.92 5.63
CA ASN A 401 17.42 -21.01 6.08
C ASN A 401 18.07 -19.64 6.27
N ARG A 402 18.90 -19.19 5.32
CA ARG A 402 19.62 -17.94 5.47
C ARG A 402 18.93 -16.80 4.75
N LEU A 403 17.82 -17.07 4.07
CA LEU A 403 16.99 -16.04 3.45
C LEU A 403 15.81 -15.70 4.36
N PHE A 404 15.57 -14.40 4.53
CA PHE A 404 14.48 -13.91 5.38
C PHE A 404 13.68 -12.94 4.54
N PHE A 405 12.41 -12.79 4.88
CA PHE A 405 11.46 -12.17 3.96
C PHE A 405 10.64 -11.12 4.68
N ALA A 406 10.65 -9.91 4.16
CA ALA A 406 9.91 -8.80 4.75
C ALA A 406 9.21 -8.05 3.63
N GLY A 407 8.52 -6.98 4.02
CA GLY A 407 7.64 -6.26 3.12
C GLY A 407 6.22 -6.27 3.62
N SER A 408 5.41 -5.29 3.18
CA SER A 408 4.05 -5.17 3.66
C SER A 408 3.29 -6.50 3.58
N ALA A 409 3.47 -7.25 2.50
CA ALA A 409 2.67 -8.45 2.30
C ALA A 409 2.96 -9.52 3.32
N THR A 410 4.09 -9.45 4.00
CA THR A 410 4.44 -10.41 5.03
C THR A 410 3.97 -10.00 6.42
N ALA A 411 3.31 -8.84 6.55
CA ALA A 411 2.96 -8.35 7.87
C ALA A 411 1.74 -9.07 8.42
N ASP A 412 1.76 -9.25 9.76
CA ASP A 412 0.57 -9.73 10.46
C ASP A 412 -0.55 -8.70 10.43
N GLY A 413 -0.21 -7.43 10.61
CA GLY A 413 -1.21 -6.40 10.83
C GLY A 413 -1.63 -5.70 9.57
N TRP A 414 -1.14 -4.48 9.39
CA TRP A 414 -1.60 -3.59 8.33
C TRP A 414 -0.87 -3.90 7.02
N HIS A 415 -1.26 -5.04 6.40
CA HIS A 415 -0.47 -5.59 5.29
C HIS A 415 -0.61 -4.85 3.97
N GLU A 416 -1.54 -3.90 3.84
CA GLU A 416 -1.59 -3.04 2.65
C GLU A 416 -0.96 -1.68 2.90
N TYR A 417 -0.19 -1.52 3.98
CA TYR A 417 0.20 -0.21 4.45
C TYR A 417 1.70 -0.09 4.75
N ILE A 418 2.13 1.18 4.84
CA ILE A 418 3.44 1.50 5.38
C ILE A 418 3.63 0.84 6.74
N ASP A 419 2.59 0.86 7.59
CA ASP A 419 2.76 0.31 8.93
C ASP A 419 3.15 -1.16 8.89
N GLY A 420 2.54 -1.93 7.99
CA GLY A 420 2.92 -3.32 7.84
C GLY A 420 4.34 -3.51 7.35
N ALA A 421 4.77 -2.67 6.41
CA ALA A 421 6.16 -2.73 5.97
C ALA A 421 7.11 -2.53 7.14
N ILE A 422 6.82 -1.55 8.00
CA ILE A 422 7.70 -1.30 9.15
C ILE A 422 7.65 -2.45 10.13
N GLU A 423 6.45 -2.94 10.43
CA GLU A 423 6.30 -4.13 11.26
C GLU A 423 7.20 -5.26 10.77
N SER A 424 7.18 -5.52 9.47
CA SER A 424 7.95 -6.64 8.93
C SER A 424 9.44 -6.39 9.06
N GLY A 425 9.86 -5.13 9.02
CA GLY A 425 11.27 -4.81 9.23
C GLY A 425 11.72 -5.05 10.66
N ILE A 426 10.87 -4.69 11.63
CA ILE A 426 11.19 -4.99 13.03
C ILE A 426 11.25 -6.49 13.26
N ARG A 427 10.28 -7.22 12.71
CA ARG A 427 10.20 -8.66 12.87
C ARG A 427 11.40 -9.38 12.26
N VAL A 428 11.77 -9.00 11.03
CA VAL A 428 12.86 -9.71 10.39
C VAL A 428 14.18 -9.39 11.09
N GLY A 429 14.32 -8.20 11.67
CA GLY A 429 15.49 -7.91 12.47
C GLY A 429 15.56 -8.80 13.70
N ARG A 430 14.39 -9.16 14.24
CA ARG A 430 14.35 -10.06 15.38
C ARG A 430 14.73 -11.48 14.97
N GLU A 431 14.23 -11.93 13.81
CA GLU A 431 14.53 -13.28 13.34
C GLU A 431 16.03 -13.45 13.09
N ILE A 432 16.67 -12.43 12.54
CA ILE A 432 18.10 -12.53 12.28
C ILE A 432 18.88 -12.42 13.59
N ARG A 433 18.41 -11.57 14.52
CA ARG A 433 19.02 -11.54 15.85
C ARG A 433 19.12 -12.94 16.44
N HIS A 434 18.04 -13.70 16.36
CA HIS A 434 18.07 -15.04 16.94
C HIS A 434 18.83 -16.03 16.07
N PHE A 435 18.77 -15.89 14.75
CA PHE A 435 19.55 -16.77 13.88
C PHE A 435 21.02 -16.65 14.19
N MET A 436 21.48 -15.43 14.48
CA MET A 436 22.89 -15.20 14.78
C MET A 436 23.27 -15.55 16.20
N LYS A 437 22.30 -15.73 17.10
CA LYS A 437 22.59 -16.12 18.48
C LYS A 437 22.93 -17.60 18.55
#